data_3S9G
#
_entry.id   3S9G
#
_cell.length_a   70.770
_cell.length_b   70.770
_cell.length_c   90.960
_cell.angle_alpha   90.00
_cell.angle_beta   90.00
_cell.angle_gamma   90.00
#
_symmetry.space_group_name_H-M   'I 4'
#
loop_
_entity.id
_entity.type
_entity.pdbx_description
1 polymer 'Protein HEXIM1'
2 water water
#
_entity_poly.entity_id   1
_entity_poly.type   'polypeptide(L)'
_entity_poly.pdbx_seq_one_letter_code
;GAMGGDGSEFLQRDFSETYERYHTESLQNMSKQELIKEYLELEKSLSRMEDENNRLRLESKRLDARVRELELELDRLRAE
NLQLLTENELHRQQERAPLSKFGD
;
_entity_poly.pdbx_strand_id   A,B
#
# COMPACT_ATOMS: atom_id res chain seq x y z
N ASP A 14 -16.40 21.91 -9.20
CA ASP A 14 -17.75 22.44 -8.81
C ASP A 14 -18.85 21.77 -9.63
N PHE A 15 -18.97 22.12 -10.91
CA PHE A 15 -19.54 21.23 -11.92
C PHE A 15 -18.35 20.85 -12.81
N SER A 16 -18.28 19.58 -13.25
CA SER A 16 -17.02 19.00 -13.78
C SER A 16 -16.46 19.70 -15.02
N GLU A 17 -17.30 19.94 -16.03
CA GLU A 17 -16.88 20.67 -17.23
C GLU A 17 -16.97 22.19 -16.99
N THR A 18 -18.10 22.67 -16.46
CA THR A 18 -18.21 24.10 -16.17
C THR A 18 -16.98 24.63 -15.35
N TYR A 19 -16.37 23.76 -14.52
CA TYR A 19 -15.26 24.15 -13.70
C TYR A 19 -14.03 24.26 -14.57
N GLU A 20 -13.84 23.32 -15.50
CA GLU A 20 -12.63 23.30 -16.33
C GLU A 20 -12.66 24.52 -17.16
N ARG A 21 -13.87 24.93 -17.58
CA ARG A 21 -14.04 26.12 -18.41
C ARG A 21 -13.54 27.34 -17.66
N TYR A 22 -14.13 27.57 -16.50
CA TYR A 22 -13.71 28.64 -15.59
C TYR A 22 -12.24 28.58 -15.23
N HIS A 23 -11.77 27.37 -15.02
CA HIS A 23 -10.43 27.20 -14.54
C HIS A 23 -9.40 27.46 -15.65
N THR A 24 -9.72 26.99 -16.85
CA THR A 24 -8.92 27.36 -18.03
C THR A 24 -8.99 28.83 -18.39
N GLU A 25 -10.16 29.44 -18.36
CA GLU A 25 -10.11 30.94 -18.51
C GLU A 25 -9.18 31.68 -17.54
N SER A 26 -9.17 31.16 -16.32
CA SER A 26 -8.39 31.71 -15.24
C SER A 26 -6.90 31.68 -15.53
N LEU A 27 -6.43 30.54 -16.06
CA LEU A 27 -5.03 30.41 -16.56
C LEU A 27 -4.83 31.25 -17.82
N GLN A 28 -5.84 31.27 -18.69
CA GLN A 28 -5.74 32.19 -19.83
C GLN A 28 -5.57 33.61 -19.38
N ASN A 29 -6.21 34.02 -18.28
CA ASN A 29 -6.00 35.43 -17.98
C ASN A 29 -4.79 35.73 -17.12
N MET A 30 -3.95 34.72 -16.88
CA MET A 30 -2.66 34.96 -16.26
C MET A 30 -1.62 35.30 -17.31
N SER A 31 -0.60 36.01 -16.92
CA SER A 31 0.58 36.19 -17.75
C SER A 31 1.43 34.93 -17.80
N LYS A 32 2.29 34.84 -18.81
CA LYS A 32 3.11 33.66 -19.03
C LYS A 32 3.97 33.46 -17.81
N GLN A 33 4.50 34.56 -17.26
CA GLN A 33 5.47 34.47 -16.18
C GLN A 33 4.84 34.14 -14.83
N GLU A 34 3.56 34.46 -14.65
CA GLU A 34 2.85 34.02 -13.44
C GLU A 34 2.53 32.54 -13.54
N LEU A 35 2.21 32.12 -14.76
CA LEU A 35 1.91 30.71 -15.04
C LEU A 35 3.14 29.85 -14.75
N ILE A 36 4.33 30.38 -15.07
CA ILE A 36 5.61 29.67 -14.88
C ILE A 36 5.97 29.58 -13.42
N LYS A 37 5.62 30.64 -12.70
CA LYS A 37 5.70 30.68 -11.24
C LYS A 37 4.74 29.64 -10.64
N GLU A 38 3.47 29.71 -11.01
CA GLU A 38 2.44 28.81 -10.41
C GLU A 38 2.80 27.31 -10.62
N TYR A 39 3.36 27.07 -11.80
CA TYR A 39 3.66 25.79 -12.33
C TYR A 39 4.85 25.18 -11.66
N LEU A 40 5.88 26.00 -11.39
CA LEU A 40 7.09 25.55 -10.75
C LEU A 40 6.82 25.05 -9.34
N GLU A 41 5.72 25.53 -8.78
CA GLU A 41 5.24 25.13 -7.46
C GLU A 41 4.51 23.84 -7.56
N LEU A 42 3.82 23.66 -8.67
CA LEU A 42 3.07 22.48 -8.88
C LEU A 42 4.03 21.32 -9.03
N GLU A 43 5.17 21.53 -9.67
CA GLU A 43 6.21 20.51 -9.73
C GLU A 43 6.79 20.13 -8.36
N LYS A 44 7.21 21.13 -7.58
CA LYS A 44 7.56 20.96 -6.14
C LYS A 44 6.64 19.97 -5.49
N SER A 45 5.35 20.23 -5.60
CA SER A 45 4.33 19.43 -4.95
C SER A 45 4.33 18.01 -5.48
N LEU A 46 4.52 17.87 -6.78
CA LEU A 46 4.61 16.54 -7.38
C LEU A 46 5.86 15.70 -6.95
N SER A 47 7.03 16.30 -6.90
CA SER A 47 8.20 15.51 -6.59
C SER A 47 8.20 15.19 -5.08
N ARG A 48 7.51 16.01 -4.29
CA ARG A 48 7.22 15.68 -2.90
C ARG A 48 6.25 14.51 -2.85
N MET A 49 5.23 14.53 -3.63
CA MET A 49 4.31 13.39 -3.58
C MET A 49 4.97 12.03 -4.07
N GLU A 50 5.69 12.11 -5.18
CA GLU A 50 6.49 11.02 -5.73
C GLU A 50 7.29 10.28 -4.65
N ASP A 51 8.28 10.95 -4.05
CA ASP A 51 8.98 10.55 -2.83
C ASP A 51 8.13 9.84 -1.81
N GLU A 52 6.92 10.33 -1.54
CA GLU A 52 6.14 9.66 -0.57
C GLU A 52 5.58 8.38 -1.15
N ASN A 53 5.04 8.45 -2.37
CA ASN A 53 4.83 7.24 -3.18
C ASN A 53 5.93 6.13 -3.08
N ASN A 54 7.19 6.48 -3.27
CA ASN A 54 8.26 5.53 -3.23
C ASN A 54 8.41 4.93 -1.81
N ARG A 55 8.42 5.80 -0.79
CA ARG A 55 8.35 5.39 0.63
C ARG A 55 7.14 4.46 0.88
N LEU A 56 5.95 4.89 0.50
CA LEU A 56 4.77 4.07 0.67
C LEU A 56 4.86 2.72 -0.07
N ARG A 57 5.46 2.64 -1.27
CA ARG A 57 5.51 1.37 -2.00
C ARG A 57 6.47 0.36 -1.36
N LEU A 58 7.51 0.89 -0.74
CA LEU A 58 8.52 0.05 -0.13
C LEU A 58 7.98 -0.54 1.16
N GLU A 59 7.16 0.24 1.88
CA GLU A 59 6.61 -0.18 3.14
C GLU A 59 5.50 -1.15 2.87
N SER A 60 4.71 -0.91 1.85
CA SER A 60 3.72 -1.93 1.48
C SER A 60 4.39 -3.27 1.07
N LYS A 61 5.49 -3.21 0.31
CA LYS A 61 6.18 -4.43 -0.12
C LYS A 61 6.83 -5.21 1.03
N ARG A 62 7.23 -4.51 2.08
CA ARG A 62 7.84 -5.11 3.26
C ARG A 62 6.76 -5.85 4.11
N LEU A 63 5.64 -5.19 4.29
CA LEU A 63 4.49 -5.76 4.97
C LEU A 63 3.79 -6.92 4.31
N ASP A 64 3.68 -6.91 2.99
CA ASP A 64 3.12 -8.09 2.32
C ASP A 64 4.13 -9.29 2.30
N ALA A 65 5.41 -9.00 2.47
CA ALA A 65 6.42 -10.06 2.62
C ALA A 65 6.22 -10.74 3.97
N ARG A 66 6.03 -9.91 4.99
CA ARG A 66 5.77 -10.36 6.31
C ARG A 66 4.48 -11.11 6.39
N VAL A 67 3.41 -10.57 5.79
CA VAL A 67 2.13 -11.34 5.70
C VAL A 67 2.40 -12.68 4.99
N ARG A 68 3.24 -12.62 3.95
CA ARG A 68 3.56 -13.80 3.16
C ARG A 68 4.18 -14.84 4.08
N GLU A 69 5.27 -14.47 4.75
CA GLU A 69 5.98 -15.39 5.65
C GLU A 69 5.04 -15.92 6.74
N LEU A 70 4.36 -15.01 7.42
CA LEU A 70 3.45 -15.38 8.49
C LEU A 70 2.36 -16.37 7.98
N GLU A 71 1.82 -16.13 6.81
CA GLU A 71 0.78 -17.01 6.22
C GLU A 71 1.23 -18.47 6.00
N LEU A 72 2.51 -18.61 5.66
CA LEU A 72 3.16 -19.90 5.37
C LEU A 72 3.32 -20.71 6.64
N GLU A 73 3.92 -20.07 7.63
CA GLU A 73 4.06 -20.66 8.93
C GLU A 73 2.70 -21.05 9.46
N LEU A 74 1.67 -20.22 9.25
CA LEU A 74 0.32 -20.61 9.72
C LEU A 74 -0.15 -21.84 9.00
N ASP A 75 0.25 -21.96 7.73
CA ASP A 75 -0.10 -23.14 6.96
C ASP A 75 0.74 -24.32 7.44
N ARG A 76 2.06 -24.16 7.45
CA ARG A 76 2.96 -25.15 7.93
C ARG A 76 2.43 -25.75 9.24
N LEU A 77 2.06 -24.90 10.19
CA LEU A 77 1.56 -25.30 11.50
C LEU A 77 0.16 -25.88 11.50
N ARG A 78 -0.74 -25.27 10.71
CA ARG A 78 -2.14 -25.77 10.62
C ARG A 78 -2.25 -27.24 10.21
N ALA A 79 -1.37 -27.61 9.26
CA ALA A 79 -1.30 -28.95 8.67
C ALA A 79 -0.64 -29.96 9.62
N GLU A 80 0.38 -29.50 10.31
CA GLU A 80 0.92 -30.21 11.47
C GLU A 80 -0.18 -30.54 12.47
N ASN A 81 -0.96 -29.54 12.87
CA ASN A 81 -1.98 -29.73 13.91
C ASN A 81 -3.06 -30.67 13.42
N LEU A 82 -3.45 -30.48 12.17
CA LEU A 82 -4.45 -31.32 11.55
C LEU A 82 -4.07 -32.80 11.68
N GLN A 83 -2.89 -33.15 11.16
CA GLN A 83 -2.38 -34.51 11.25
C GLN A 83 -2.45 -35.00 12.69
N LEU A 84 -1.63 -34.42 13.57
CA LEU A 84 -1.70 -34.71 15.00
C LEU A 84 -3.14 -34.97 15.43
N LEU A 85 -4.06 -34.12 15.02
CA LEU A 85 -5.41 -34.18 15.57
C LEU A 85 -6.12 -35.49 15.22
N THR A 86 -5.89 -35.96 14.01
CA THR A 86 -6.53 -37.17 13.52
C THR A 86 -5.78 -38.41 14.03
N GLU A 87 -4.50 -38.23 14.40
CA GLU A 87 -3.71 -39.29 15.05
C GLU A 87 -4.19 -39.53 16.48
N ASN A 88 -4.44 -38.40 17.16
CA ASN A 88 -4.94 -38.40 18.53
C ASN A 88 -6.36 -38.98 18.62
N GLU A 89 -7.20 -38.70 17.63
CA GLU A 89 -8.51 -39.37 17.55
C GLU A 89 -8.38 -40.90 17.48
N LEU A 90 -7.74 -41.38 16.40
CA LEU A 90 -7.55 -42.81 16.14
C LEU A 90 -6.90 -43.52 17.34
N HIS A 91 -5.73 -43.04 17.78
CA HIS A 91 -5.02 -43.63 18.93
C HIS A 91 -5.73 -43.44 20.27
N ARG A 92 -6.77 -42.60 20.28
CA ARG A 92 -7.61 -42.39 21.47
C ARG A 92 -8.71 -43.45 21.52
N GLN A 93 -9.56 -43.45 20.50
CA GLN A 93 -10.68 -44.40 20.40
C GLN A 93 -10.20 -45.83 20.68
N GLN A 94 -8.98 -46.14 20.23
CA GLN A 94 -8.39 -47.44 20.45
C GLN A 94 -7.92 -47.52 21.89
N GLU A 95 -8.90 -47.73 22.78
CA GLU A 95 -8.71 -47.72 24.22
C GLU A 95 -9.99 -48.19 24.91
N GLU B 20 15.52 27.23 -10.51
CA GLU B 20 14.95 28.55 -10.89
C GLU B 20 14.98 28.62 -12.43
N ARG B 21 16.22 28.70 -12.94
CA ARG B 21 16.54 29.09 -14.31
C ARG B 21 16.89 27.92 -15.25
N TYR B 22 17.08 26.71 -14.71
CA TYR B 22 16.98 25.50 -15.55
C TYR B 22 15.57 25.50 -16.18
N HIS B 23 14.68 26.31 -15.60
CA HIS B 23 13.29 26.42 -16.02
C HIS B 23 13.04 27.70 -16.81
N THR B 24 13.80 28.76 -16.54
CA THR B 24 13.80 29.92 -17.44
C THR B 24 13.63 29.38 -18.87
N GLU B 25 14.38 28.32 -19.20
CA GLU B 25 14.50 27.87 -20.58
C GLU B 25 13.49 26.79 -20.96
N SER B 26 13.17 25.90 -20.01
CA SER B 26 12.29 24.76 -20.30
C SER B 26 10.88 25.24 -20.62
N LEU B 27 10.38 26.14 -19.80
CA LEU B 27 8.96 26.48 -19.79
C LEU B 27 8.67 27.62 -20.76
N GLN B 28 9.73 28.33 -21.11
CA GLN B 28 9.67 29.53 -21.93
C GLN B 28 10.14 29.45 -23.35
N ASN B 29 10.70 28.33 -23.78
CA ASN B 29 10.66 28.07 -25.22
C ASN B 29 9.17 27.83 -25.60
N MET B 30 8.39 27.37 -24.63
CA MET B 30 6.97 27.13 -24.84
C MET B 30 6.12 28.41 -24.94
N SER B 31 5.12 28.30 -25.80
CA SER B 31 4.06 29.23 -25.91
C SER B 31 3.18 29.08 -24.70
N LYS B 32 2.52 30.18 -24.38
CA LYS B 32 1.65 30.24 -23.27
C LYS B 32 0.65 29.16 -23.37
N GLN B 33 0.15 28.89 -24.56
CA GLN B 33 -0.90 27.88 -24.71
C GLN B 33 -0.38 26.47 -24.36
N GLU B 34 0.89 26.26 -24.61
CA GLU B 34 1.54 24.96 -24.37
C GLU B 34 1.68 24.83 -22.88
N LEU B 35 2.23 25.87 -22.22
CA LEU B 35 2.28 25.90 -20.79
C LEU B 35 1.02 25.55 -20.03
N ILE B 36 -0.10 26.15 -20.46
CA ILE B 36 -1.42 25.95 -19.87
C ILE B 36 -1.70 24.54 -20.06
N LYS B 37 -1.52 24.00 -21.28
CA LYS B 37 -1.75 22.55 -21.49
C LYS B 37 -0.99 21.68 -20.49
N GLU B 38 0.30 21.98 -20.36
CA GLU B 38 1.26 21.39 -19.51
C GLU B 38 0.88 21.56 -18.05
N TYR B 39 0.28 22.70 -17.66
CA TYR B 39 -0.10 22.95 -16.26
C TYR B 39 -1.32 22.07 -15.98
N LEU B 40 -2.21 22.04 -16.91
CA LEU B 40 -3.49 21.20 -16.70
C LEU B 40 -3.04 19.82 -16.43
N GLU B 41 -2.52 19.08 -17.41
CA GLU B 41 -2.12 17.67 -17.22
C GLU B 41 -1.31 17.34 -15.93
N LEU B 42 -0.38 18.20 -15.56
CA LEU B 42 0.29 18.18 -14.30
C LEU B 42 -0.71 18.28 -13.13
N GLU B 43 -1.67 19.16 -13.19
CA GLU B 43 -2.67 19.10 -12.13
C GLU B 43 -3.25 17.75 -12.16
N LYS B 44 -3.50 17.22 -13.34
CA LYS B 44 -4.40 16.01 -13.35
C LYS B 44 -3.71 14.79 -12.72
N SER B 45 -2.42 14.71 -12.92
CA SER B 45 -1.60 13.66 -12.35
C SER B 45 -1.11 13.88 -10.93
N LEU B 46 -0.98 15.12 -10.46
CA LEU B 46 -0.88 15.33 -9.02
C LEU B 46 -2.10 14.68 -8.36
N SER B 47 -3.26 14.88 -8.96
CA SER B 47 -4.46 14.30 -8.42
C SER B 47 -4.66 12.75 -8.48
N ARG B 48 -4.13 12.05 -9.51
CA ARG B 48 -4.16 10.57 -9.60
C ARG B 48 -3.18 10.04 -8.60
N MET B 49 -2.08 10.71 -8.50
CA MET B 49 -1.15 10.33 -7.51
C MET B 49 -1.57 10.53 -6.02
N GLU B 50 -2.35 11.54 -5.69
CA GLU B 50 -2.83 11.68 -4.31
C GLU B 50 -3.77 10.54 -4.06
N ASP B 51 -4.52 10.19 -5.08
CA ASP B 51 -5.36 8.97 -4.91
C ASP B 51 -4.51 7.72 -4.73
N GLU B 52 -3.39 7.62 -5.42
CA GLU B 52 -2.68 6.38 -5.35
C GLU B 52 -1.92 6.32 -4.02
N ASN B 53 -1.44 7.45 -3.57
CA ASN B 53 -0.83 7.54 -2.28
C ASN B 53 -1.83 7.25 -1.15
N ASN B 54 -3.03 7.81 -1.25
CA ASN B 54 -4.09 7.41 -0.30
C ASN B 54 -4.33 5.92 -0.19
N ARG B 55 -4.43 5.24 -1.33
CA ARG B 55 -4.61 3.84 -1.42
C ARG B 55 -3.39 3.18 -0.80
N LEU B 56 -2.19 3.71 -1.06
CA LEU B 56 -0.97 3.12 -0.49
C LEU B 56 -0.97 3.27 1.03
N ARG B 57 -1.45 4.41 1.57
CA ARG B 57 -1.48 4.61 3.02
C ARG B 57 -2.48 3.65 3.66
N LEU B 58 -3.68 3.63 3.13
CA LEU B 58 -4.67 2.74 3.66
C LEU B 58 -4.28 1.23 3.61
N GLU B 59 -3.69 0.80 2.49
CA GLU B 59 -3.36 -0.59 2.27
C GLU B 59 -2.34 -1.04 3.26
N SER B 60 -1.30 -0.24 3.42
CA SER B 60 -0.24 -0.64 4.27
C SER B 60 -0.65 -0.49 5.75
N LYS B 61 -1.68 0.27 6.08
CA LYS B 61 -2.21 0.15 7.45
C LYS B 61 -3.14 -1.08 7.62
N ARG B 62 -3.84 -1.48 6.59
CA ARG B 62 -4.62 -2.72 6.65
C ARG B 62 -3.73 -3.94 6.79
N LEU B 63 -2.69 -4.00 5.97
CA LEU B 63 -1.66 -5.04 6.05
C LEU B 63 -1.05 -5.08 7.45
N ASP B 64 -0.90 -3.91 8.08
CA ASP B 64 -0.46 -3.86 9.46
C ASP B 64 -1.48 -4.49 10.42
N ALA B 65 -2.76 -4.20 10.26
CA ALA B 65 -3.77 -4.88 11.05
C ALA B 65 -3.46 -6.37 10.86
N ARG B 66 -3.49 -6.79 9.61
CA ARG B 66 -3.28 -8.16 9.17
C ARG B 66 -2.21 -8.95 9.89
N VAL B 67 -1.02 -8.37 9.95
CA VAL B 67 0.10 -8.92 10.60
C VAL B 67 -0.16 -9.17 12.08
N ARG B 68 -0.80 -8.22 12.74
CA ARG B 68 -1.23 -8.41 14.11
C ARG B 68 -2.21 -9.54 14.22
N GLU B 69 -3.16 -9.61 13.29
CA GLU B 69 -4.12 -10.71 13.32
C GLU B 69 -3.38 -12.03 13.09
N LEU B 70 -2.31 -11.99 12.34
CA LEU B 70 -1.64 -13.21 12.02
C LEU B 70 -0.69 -13.57 13.16
N GLU B 71 -0.04 -12.59 13.76
CA GLU B 71 0.80 -12.89 14.91
C GLU B 71 0.03 -13.56 16.06
N LEU B 72 -1.24 -13.18 16.24
CA LEU B 72 -2.14 -13.82 17.21
C LEU B 72 -2.67 -15.17 16.80
N GLU B 73 -3.06 -15.34 15.54
CA GLU B 73 -3.51 -16.64 15.15
C GLU B 73 -2.36 -17.61 15.34
N LEU B 74 -1.11 -17.17 15.12
CA LEU B 74 0.06 -17.97 15.31
C LEU B 74 0.29 -18.43 16.78
N ASP B 75 0.51 -17.47 17.67
CA ASP B 75 0.44 -17.70 19.10
C ASP B 75 -0.67 -18.69 19.51
N ARG B 76 -1.91 -18.42 19.14
CA ARG B 76 -3.00 -19.32 19.44
C ARG B 76 -2.81 -20.69 18.84
N LEU B 77 -2.25 -20.76 17.62
CA LEU B 77 -1.98 -22.06 17.03
C LEU B 77 -0.87 -22.83 17.72
N ARG B 78 0.07 -22.10 18.31
CA ARG B 78 1.13 -22.70 19.05
C ARG B 78 0.64 -23.29 20.36
N ALA B 79 -0.19 -22.57 21.09
CA ALA B 79 -0.82 -23.14 22.25
C ALA B 79 -1.51 -24.46 21.86
N GLU B 80 -2.36 -24.48 20.82
CA GLU B 80 -2.98 -25.74 20.38
C GLU B 80 -1.95 -26.80 19.95
N ASN B 81 -0.89 -26.42 19.26
CA ASN B 81 0.12 -27.37 18.82
C ASN B 81 0.78 -28.11 20.03
N LEU B 82 1.27 -27.36 21.01
CA LEU B 82 1.72 -27.88 22.27
C LEU B 82 0.73 -28.86 22.93
N GLN B 83 -0.55 -28.50 23.06
CA GLN B 83 -1.51 -29.47 23.60
C GLN B 83 -1.59 -30.73 22.77
N LEU B 84 -1.74 -30.59 21.46
CA LEU B 84 -1.86 -31.73 20.54
C LEU B 84 -0.68 -32.67 20.61
N LEU B 85 0.49 -32.08 20.78
CA LEU B 85 1.74 -32.78 20.81
C LEU B 85 1.91 -33.53 22.11
N THR B 86 1.41 -32.95 23.21
CA THR B 86 1.61 -33.47 24.53
C THR B 86 0.69 -34.68 24.64
N GLU B 87 -0.47 -34.58 24.00
CA GLU B 87 -1.42 -35.69 23.89
C GLU B 87 -0.87 -36.80 23.00
N ASN B 88 -0.31 -36.44 21.83
CA ASN B 88 0.29 -37.46 20.91
C ASN B 88 1.36 -38.24 21.67
N GLU B 89 2.03 -37.55 22.59
CA GLU B 89 3.14 -38.10 23.37
C GLU B 89 2.64 -39.02 24.47
N LEU B 90 1.51 -38.66 25.09
CA LEU B 90 0.88 -39.52 26.09
C LEU B 90 0.58 -40.84 25.42
N HIS B 91 -0.12 -40.81 24.30
CA HIS B 91 -0.44 -42.03 23.54
C HIS B 91 0.78 -42.77 23.07
N ARG B 92 1.86 -42.04 22.77
CA ARG B 92 3.04 -42.70 22.27
C ARG B 92 3.54 -43.61 23.38
N GLN B 93 3.59 -43.06 24.60
CA GLN B 93 4.04 -43.77 25.80
C GLN B 93 3.12 -44.94 26.21
N GLN B 94 1.84 -44.91 25.81
CA GLN B 94 0.97 -46.05 26.06
C GLN B 94 1.01 -47.04 24.89
N GLU B 95 2.24 -47.39 24.46
CA GLU B 95 2.47 -48.34 23.36
C GLU B 95 3.83 -49.01 23.51
#